data_8DP3
#
_entry.id   8DP3
#
_cell.length_a   122.173
_cell.length_b   48.698
_cell.length_c   144.653
_cell.angle_alpha   90.000
_cell.angle_beta   112.920
_cell.angle_gamma   90.000
#
_symmetry.space_group_name_H-M   'C 1 2 1'
#
loop_
_entity.id
_entity.type
_entity.pdbx_description
1 polymer 'Fab BL3-6 Heavy Chain'
2 polymer 'Fab BL3-6 Light Chain'
3 polymer 'RNA (90-MER)'
4 non-polymer 'PHOSPHATE ION'
5 water water
#
loop_
_entity_poly.entity_id
_entity_poly.type
_entity_poly.pdbx_seq_one_letter_code
_entity_poly.pdbx_strand_id
1 'polypeptide(L)'
;MKKNIAFLLASMFVFSIATNAYAEISEVQLVESGGGLVQPGGSLRLSCAASGFYISYSSIHWVRQAPGKGLEWVASISPY
SGSTYYADSVKGRFTISADTSKNTAYLQMNSLRAEDTAVYYCARQGYRRRSGRGFDYWGQGTLVTVSSASTKGPSVFPLA
PSSKSTSGGTAALGCLVKDYFPEPVTVSWNSGALTSGVHTFPAVLQSSGLYSLSSVVTVPSSSLGTQTYICNVNHKPSNT
KVDKKVEPKSCDKTHT
;
H
2 'polypeptide(L)'
;MKKNIAFLLASMFVFSIATNAYASDIQMTQSPSSLSASVGDRVTITCRASQSVSSAVAWYQQKPGKAPKLLIYSASSLYS
GVPSRFSGSRSGTDFTLTISSLQPEDFATYYCQQSYSFPSTFGQGTKVEIKRTVAAPSVFIFPPSDEQLKSGTASVVCLL
NNFYPREAKVQWKVDNALQSGNSQESVTEQDSADSTYSLSSTLTLSKADYEKHKVYACEVTHQGLSSPVTKSFNRGEC
;
L
3 'polyribonucleotide'
;GGUAAAACAGCCUGUGGGUGAAACACACCCACAGGGCCCAUUGGGCGCUAGCACUCUGGUAUCACCGUACCUUUGUGCGC
CUGUUUUACC
;
R
#
loop_
_chem_comp.id
_chem_comp.type
_chem_comp.name
_chem_comp.formula
A RNA linking ADENOSINE-5'-MONOPHOSPHATE 'C10 H14 N5 O7 P'
C RNA linking CYTIDINE-5'-MONOPHOSPHATE 'C9 H14 N3 O8 P'
G RNA linking GUANOSINE-5'-MONOPHOSPHATE 'C10 H14 N5 O8 P'
PO4 non-polymer 'PHOSPHATE ION' 'O4 P -3'
U RNA linking URIDINE-5'-MONOPHOSPHATE 'C9 H13 N2 O9 P'
#
# COMPACT_ATOMS: atom_id res chain seq x y z
N SER A 26 4.36 -2.66 -20.09
CA SER A 26 5.24 -3.52 -20.89
C SER A 26 4.49 -4.52 -21.81
N GLU A 27 5.23 -5.51 -22.31
CA GLU A 27 4.73 -6.34 -23.41
C GLU A 27 3.63 -7.29 -22.95
N VAL A 28 3.95 -8.14 -21.99
CA VAL A 28 2.98 -9.05 -21.40
C VAL A 28 2.23 -8.30 -20.32
N GLN A 29 0.91 -8.36 -20.33
CA GLN A 29 0.14 -7.83 -19.22
C GLN A 29 -0.94 -8.81 -18.81
N LEU A 30 -1.27 -8.77 -17.52
CA LEU A 30 -2.38 -9.49 -16.92
C LEU A 30 -3.31 -8.44 -16.31
N VAL A 31 -4.54 -8.33 -16.80
CA VAL A 31 -5.46 -7.28 -16.35
C VAL A 31 -6.62 -7.95 -15.62
N GLU A 32 -6.73 -7.70 -14.33
CA GLU A 32 -7.76 -8.34 -13.52
C GLU A 32 -8.97 -7.44 -13.32
N SER A 33 -10.09 -8.09 -13.00
CA SER A 33 -11.33 -7.41 -12.66
C SER A 33 -12.20 -8.37 -11.88
N GLY A 34 -13.29 -7.87 -11.33
CA GLY A 34 -14.24 -8.67 -10.59
C GLY A 34 -14.27 -8.40 -9.10
N GLY A 35 -13.36 -7.60 -8.58
CA GLY A 35 -13.28 -7.36 -7.17
C GLY A 35 -14.42 -6.50 -6.67
N GLY A 36 -14.46 -6.31 -5.37
CA GLY A 36 -15.42 -5.44 -4.75
C GLY A 36 -15.92 -6.02 -3.46
N LEU A 37 -16.90 -5.34 -2.87
CA LEU A 37 -17.54 -5.80 -1.66
C LEU A 37 -18.44 -6.99 -1.96
N VAL A 38 -18.45 -7.97 -1.05
CA VAL A 38 -19.34 -9.12 -1.20
C VAL A 38 -19.79 -9.55 0.19
N GLN A 39 -21.03 -10.01 0.27
CA GLN A 39 -21.60 -10.49 1.52
C GLN A 39 -20.93 -11.80 1.96
N PRO A 40 -20.78 -12.01 3.26
CA PRO A 40 -20.29 -13.32 3.73
C PRO A 40 -21.24 -14.43 3.30
N GLY A 41 -20.66 -15.51 2.76
CA GLY A 41 -21.43 -16.58 2.14
C GLY A 41 -21.80 -16.33 0.70
N GLY A 42 -21.41 -15.20 0.13
CA GLY A 42 -21.72 -14.87 -1.24
C GLY A 42 -20.68 -15.42 -2.19
N SER A 43 -20.66 -14.86 -3.41
CA SER A 43 -19.77 -15.35 -4.45
C SER A 43 -19.29 -14.20 -5.31
N LEU A 44 -18.14 -14.41 -5.94
CA LEU A 44 -17.54 -13.48 -6.88
C LEU A 44 -16.74 -14.29 -7.88
N ARG A 45 -16.73 -13.83 -9.13
CA ARG A 45 -15.81 -14.36 -10.12
C ARG A 45 -14.80 -13.27 -10.45
N LEU A 46 -13.53 -13.57 -10.30
CA LEU A 46 -12.47 -12.70 -10.75
C LEU A 46 -12.04 -13.13 -12.14
N SER A 47 -11.72 -12.14 -12.98
CA SER A 47 -11.16 -12.36 -14.31
C SER A 47 -9.71 -11.93 -14.33
N CYS A 48 -8.93 -12.57 -15.21
CA CYS A 48 -7.52 -12.25 -15.45
C CYS A 48 -7.31 -12.24 -16.96
N ALA A 49 -7.37 -11.07 -17.58
CA ALA A 49 -7.29 -10.95 -19.02
C ALA A 49 -5.83 -10.84 -19.45
N ALA A 50 -5.41 -11.69 -20.39
CA ALA A 50 -4.02 -11.69 -20.81
C ALA A 50 -3.82 -10.88 -22.08
N SER A 51 -2.62 -10.31 -22.23
CA SER A 51 -2.18 -9.68 -23.46
C SER A 51 -0.69 -9.94 -23.67
N GLY A 52 -0.25 -9.88 -24.93
CA GLY A 52 1.13 -10.17 -25.28
C GLY A 52 1.54 -11.64 -25.22
N PHE A 53 0.63 -12.55 -24.89
CA PHE A 53 0.92 -13.98 -24.91
C PHE A 53 -0.40 -14.71 -24.82
N TYR A 54 -0.32 -16.04 -24.95
CA TYR A 54 -1.47 -16.94 -25.04
C TYR A 54 -1.46 -17.84 -23.82
N ILE A 55 -2.51 -17.77 -22.99
CA ILE A 55 -2.50 -18.48 -21.72
C ILE A 55 -2.43 -20.00 -21.90
N SER A 56 -2.60 -20.49 -23.12
CA SER A 56 -2.67 -21.93 -23.32
C SER A 56 -1.32 -22.61 -23.12
N TYR A 57 -0.22 -21.87 -23.25
CA TYR A 57 1.14 -22.42 -23.18
C TYR A 57 1.80 -22.23 -21.80
N SER A 58 1.10 -21.67 -20.82
CA SER A 58 1.67 -21.33 -19.53
C SER A 58 0.83 -21.94 -18.42
N SER A 59 1.39 -22.06 -17.22
CA SER A 59 0.55 -22.23 -16.03
C SER A 59 0.12 -20.85 -15.52
N ILE A 60 -1.12 -20.76 -15.03
CA ILE A 60 -1.71 -19.53 -14.51
C ILE A 60 -2.05 -19.73 -13.03
N HIS A 61 -1.58 -18.82 -12.16
CA HIS A 61 -1.79 -18.95 -10.72
C HIS A 61 -2.56 -17.76 -10.16
N TRP A 62 -3.26 -17.99 -9.05
CA TRP A 62 -3.83 -16.94 -8.20
C TRP A 62 -3.14 -16.95 -6.84
N VAL A 63 -2.73 -15.76 -6.38
CA VAL A 63 -2.06 -15.53 -5.09
C VAL A 63 -2.78 -14.36 -4.41
N ARG A 64 -3.05 -14.49 -3.14
CA ARG A 64 -3.72 -13.41 -2.44
C ARG A 64 -2.84 -12.85 -1.32
N GLN A 65 -3.29 -11.73 -0.77
CA GLN A 65 -2.53 -11.01 0.24
C GLN A 65 -3.54 -10.30 1.15
N ALA A 66 -3.80 -10.88 2.30
CA ALA A 66 -4.66 -10.22 3.25
C ALA A 66 -4.02 -8.89 3.65
N PRO A 67 -4.81 -7.85 3.91
CA PRO A 67 -4.22 -6.53 4.15
C PRO A 67 -3.26 -6.55 5.34
N GLY A 68 -2.07 -6.00 5.12
CA GLY A 68 -0.99 -6.02 6.11
C GLY A 68 -0.18 -7.30 6.19
N LYS A 69 -0.50 -8.33 5.40
CA LYS A 69 0.01 -9.68 5.59
C LYS A 69 0.81 -10.13 4.37
N GLY A 70 1.24 -11.40 4.40
CA GLY A 70 2.07 -11.94 3.34
C GLY A 70 1.28 -12.51 2.17
N LEU A 71 2.04 -12.95 1.16
CA LEU A 71 1.48 -13.63 0.01
C LEU A 71 0.99 -15.03 0.41
N GLU A 72 -0.16 -15.43 -0.15
CA GLU A 72 -0.74 -16.74 0.09
C GLU A 72 -1.19 -17.30 -1.24
N TRP A 73 -0.54 -18.37 -1.69
CA TRP A 73 -0.91 -19.01 -2.95
C TRP A 73 -2.29 -19.66 -2.86
N VAL A 74 -3.10 -19.49 -3.91
CA VAL A 74 -4.52 -19.85 -3.90
C VAL A 74 -4.79 -21.04 -4.81
N ALA A 75 -4.35 -20.96 -6.07
CA ALA A 75 -4.69 -22.00 -7.04
C ALA A 75 -3.84 -21.84 -8.29
N SER A 76 -3.74 -22.93 -9.06
CA SER A 76 -3.09 -22.88 -10.35
C SER A 76 -3.80 -23.80 -11.34
N ILE A 77 -3.56 -23.54 -12.62
CA ILE A 77 -4.06 -24.41 -13.69
C ILE A 77 -2.90 -24.64 -14.66
N SER A 78 -2.62 -25.97 -14.98
CA SER A 78 -1.50 -26.39 -15.80
C SER A 78 -1.83 -26.31 -17.30
N PRO A 79 -0.87 -26.05 -18.18
CA PRO A 79 -1.16 -26.11 -19.62
C PRO A 79 -1.30 -27.56 -20.09
N TYR A 80 -2.09 -27.71 -21.17
CA TYR A 80 -2.25 -28.93 -21.96
C TYR A 80 -3.01 -30.04 -21.26
N SER A 81 -3.10 -29.98 -19.95
CA SER A 81 -3.87 -30.98 -19.22
C SER A 81 -5.07 -30.36 -18.54
N GLY A 82 -5.02 -29.06 -18.28
CA GLY A 82 -6.06 -28.45 -17.48
C GLY A 82 -6.09 -28.87 -16.03
N SER A 83 -5.03 -29.54 -15.55
CA SER A 83 -4.99 -29.93 -14.15
C SER A 83 -5.02 -28.69 -13.26
N THR A 84 -5.81 -28.76 -12.21
CA THR A 84 -5.99 -27.66 -11.29
C THR A 84 -5.55 -28.07 -9.90
N TYR A 85 -5.06 -27.10 -9.13
CA TYR A 85 -4.53 -27.32 -7.79
C TYR A 85 -4.98 -26.17 -6.89
N TYR A 86 -5.18 -26.47 -5.60
CA TYR A 86 -5.81 -25.53 -4.69
C TYR A 86 -5.16 -25.58 -3.31
N ALA A 87 -4.96 -24.41 -2.71
CA ALA A 87 -4.60 -24.40 -1.30
C ALA A 87 -5.75 -25.00 -0.49
N ASP A 88 -5.40 -25.62 0.63
CA ASP A 88 -6.42 -26.25 1.47
C ASP A 88 -7.41 -25.24 2.03
N SER A 89 -6.97 -23.99 2.25
CA SER A 89 -7.88 -23.00 2.81
C SER A 89 -9.03 -22.64 1.87
N VAL A 90 -8.91 -22.97 0.58
CA VAL A 90 -9.90 -22.61 -0.42
C VAL A 90 -10.44 -23.81 -1.18
N LYS A 91 -9.85 -24.99 -0.98
CA LYS A 91 -10.29 -26.20 -1.67
C LYS A 91 -11.77 -26.45 -1.46
N GLY A 92 -12.48 -26.76 -2.54
CA GLY A 92 -13.90 -27.03 -2.45
C GLY A 92 -14.79 -25.81 -2.43
N ARG A 93 -14.22 -24.60 -2.27
CA ARG A 93 -14.96 -23.35 -2.36
C ARG A 93 -14.62 -22.54 -3.60
N PHE A 94 -13.38 -22.64 -4.06
CA PHE A 94 -12.86 -21.88 -5.20
C PHE A 94 -12.64 -22.81 -6.39
N THR A 95 -12.76 -22.24 -7.59
CA THR A 95 -12.59 -22.96 -8.84
C THR A 95 -11.85 -22.06 -9.80
N ILE A 96 -10.63 -22.49 -10.22
CA ILE A 96 -9.85 -21.81 -11.27
C ILE A 96 -10.18 -22.42 -12.61
N SER A 97 -10.22 -21.58 -13.65
CA SER A 97 -10.52 -22.07 -14.98
C SER A 97 -9.83 -21.15 -15.98
N ALA A 98 -9.80 -21.59 -17.24
CA ALA A 98 -9.04 -20.89 -18.27
C ALA A 98 -9.80 -20.97 -19.58
N ASP A 99 -10.31 -19.83 -20.03
CA ASP A 99 -11.02 -19.70 -21.30
C ASP A 99 -9.99 -19.24 -22.32
N THR A 100 -9.42 -20.19 -23.06
CA THR A 100 -8.36 -19.82 -23.99
C THR A 100 -8.91 -19.00 -25.14
N SER A 101 -10.15 -19.26 -25.56
CA SER A 101 -10.75 -18.52 -26.68
C SER A 101 -10.93 -17.03 -26.39
N LYS A 102 -10.99 -16.64 -25.13
CA LYS A 102 -10.97 -15.25 -24.71
C LYS A 102 -9.62 -14.83 -24.14
N ASN A 103 -8.66 -15.74 -24.10
CA ASN A 103 -7.33 -15.50 -23.54
C ASN A 103 -7.41 -14.97 -22.11
N THR A 104 -8.36 -15.51 -21.35
CA THR A 104 -8.70 -15.03 -20.01
C THR A 104 -8.79 -16.21 -19.04
N ALA A 105 -8.21 -16.03 -17.86
CA ALA A 105 -8.38 -16.98 -16.77
C ALA A 105 -9.33 -16.39 -15.73
N TYR A 106 -9.83 -17.27 -14.85
CA TYR A 106 -10.85 -16.89 -13.87
C TYR A 106 -10.56 -17.54 -12.53
N LEU A 107 -11.18 -16.97 -11.50
CA LEU A 107 -11.26 -17.61 -10.19
C LEU A 107 -12.68 -17.40 -9.68
N GLN A 108 -13.43 -18.50 -9.54
CA GLN A 108 -14.78 -18.48 -8.99
C GLN A 108 -14.73 -18.74 -7.49
N MET A 109 -15.25 -17.79 -6.71
CA MET A 109 -15.10 -17.83 -5.26
C MET A 109 -16.48 -17.95 -4.64
N ASN A 110 -16.77 -19.09 -4.03
CA ASN A 110 -18.05 -19.35 -3.38
C ASN A 110 -17.87 -19.43 -1.87
N SER A 111 -18.96 -19.19 -1.17
CA SER A 111 -19.01 -19.33 0.28
C SER A 111 -17.89 -18.54 0.96
N LEU A 112 -17.74 -17.30 0.51
CA LEU A 112 -16.64 -16.47 0.98
C LEU A 112 -16.79 -16.17 2.46
N ARG A 113 -15.65 -16.19 3.16
CA ARG A 113 -15.60 -15.88 4.58
C ARG A 113 -14.81 -14.60 4.79
N ALA A 114 -15.00 -14.01 5.98
CA ALA A 114 -14.23 -12.84 6.37
C ALA A 114 -12.75 -13.00 6.06
N GLU A 115 -12.20 -14.19 6.32
CA GLU A 115 -10.78 -14.46 6.10
C GLU A 115 -10.39 -14.58 4.64
N ASP A 116 -11.32 -14.41 3.70
CA ASP A 116 -10.99 -14.33 2.29
C ASP A 116 -10.74 -12.90 1.83
N THR A 117 -11.03 -11.91 2.67
CA THR A 117 -10.69 -10.53 2.32
C THR A 117 -9.19 -10.43 2.06
N ALA A 118 -8.84 -9.91 0.89
CA ALA A 118 -7.43 -9.85 0.48
C ALA A 118 -7.35 -9.18 -0.88
N VAL A 119 -6.14 -8.77 -1.26
CA VAL A 119 -5.90 -8.44 -2.65
C VAL A 119 -5.57 -9.73 -3.39
N TYR A 120 -6.26 -9.97 -4.50
CA TYR A 120 -6.08 -11.17 -5.32
C TYR A 120 -5.28 -10.82 -6.57
N TYR A 121 -4.22 -11.57 -6.79
CA TYR A 121 -3.35 -11.44 -7.95
C TYR A 121 -3.45 -12.70 -8.80
N CYS A 122 -3.45 -12.51 -10.10
CA CYS A 122 -3.16 -13.60 -11.02
C CYS A 122 -1.73 -13.39 -11.50
N ALA A 123 -1.05 -14.50 -11.78
CA ALA A 123 0.35 -14.47 -12.13
C ALA A 123 0.60 -15.54 -13.19
N ARG A 124 1.47 -15.22 -14.15
CA ARG A 124 1.91 -16.18 -15.14
C ARG A 124 3.17 -16.86 -14.64
N GLN A 125 3.16 -18.19 -14.58
CA GLN A 125 4.42 -18.92 -14.43
C GLN A 125 5.14 -18.85 -15.77
N GLY A 126 6.40 -18.38 -15.77
CA GLY A 126 7.10 -18.18 -17.01
C GLY A 126 7.49 -19.49 -17.71
N TYR A 127 8.15 -19.32 -18.87
CA TYR A 127 8.58 -20.49 -19.64
C TYR A 127 9.71 -21.20 -18.94
N ARG A 128 9.66 -22.53 -18.99
CA ARG A 128 10.59 -23.32 -18.21
C ARG A 128 12.04 -22.93 -18.50
N ARG A 129 12.42 -22.86 -19.77
CA ARG A 129 13.80 -22.62 -20.12
C ARG A 129 14.25 -21.19 -19.88
N ARG A 130 13.33 -20.27 -19.62
CA ARG A 130 13.70 -18.87 -19.47
C ARG A 130 13.61 -18.37 -18.04
N SER A 131 12.62 -18.83 -17.26
CA SER A 131 12.55 -18.38 -15.87
C SER A 131 12.11 -19.49 -14.94
N GLY A 132 12.41 -20.74 -15.26
CA GLY A 132 12.14 -21.84 -14.34
C GLY A 132 10.66 -21.91 -14.04
N ARG A 133 10.31 -22.06 -12.76
CA ARG A 133 8.92 -21.98 -12.33
C ARG A 133 8.62 -20.64 -11.65
N GLY A 134 9.47 -19.63 -11.88
CA GLY A 134 9.18 -18.31 -11.31
C GLY A 134 7.91 -17.72 -11.90
N PHE A 135 7.24 -16.86 -11.12
CA PHE A 135 6.07 -16.15 -11.60
C PHE A 135 6.56 -14.84 -12.22
N ASP A 136 6.72 -14.80 -13.55
CA ASP A 136 7.43 -13.66 -14.14
C ASP A 136 6.57 -12.44 -14.40
N TYR A 137 5.26 -12.61 -14.58
CA TYR A 137 4.34 -11.50 -14.75
C TYR A 137 3.16 -11.65 -13.81
N TRP A 138 2.64 -10.50 -13.35
CA TRP A 138 1.61 -10.45 -12.32
C TRP A 138 0.58 -9.39 -12.69
N GLY A 139 -0.69 -9.68 -12.37
CA GLY A 139 -1.71 -8.65 -12.39
C GLY A 139 -1.48 -7.54 -11.37
N GLN A 140 -2.09 -6.40 -11.62
CA GLN A 140 -1.96 -5.29 -10.69
C GLN A 140 -2.77 -5.51 -9.41
N GLY A 141 -3.51 -6.60 -9.30
CA GLY A 141 -4.25 -6.95 -8.10
C GLY A 141 -5.63 -6.34 -8.07
N THR A 142 -6.55 -7.03 -7.38
CA THR A 142 -7.90 -6.52 -7.15
C THR A 142 -8.38 -6.96 -5.77
N LEU A 143 -9.06 -6.05 -5.08
CA LEU A 143 -9.39 -6.25 -3.67
C LEU A 143 -10.80 -6.83 -3.51
N VAL A 144 -10.90 -7.89 -2.71
CA VAL A 144 -12.16 -8.52 -2.35
C VAL A 144 -12.39 -8.30 -0.87
N THR A 145 -13.45 -7.59 -0.53
CA THR A 145 -13.83 -7.39 0.86
C THR A 145 -15.08 -8.20 1.12
N VAL A 146 -14.99 -9.14 2.06
CA VAL A 146 -16.11 -9.94 2.49
C VAL A 146 -16.65 -9.30 3.77
N SER A 147 -17.83 -8.69 3.69
CA SER A 147 -18.35 -7.90 4.78
C SER A 147 -19.85 -7.73 4.62
N SER A 148 -20.56 -7.80 5.74
CA SER A 148 -22.00 -7.56 5.72
C SER A 148 -22.34 -6.06 5.75
N ALA A 149 -21.34 -5.20 5.90
CA ALA A 149 -21.55 -3.76 5.94
C ALA A 149 -21.90 -3.24 4.54
N SER A 150 -22.52 -2.06 4.51
CA SER A 150 -22.97 -1.47 3.26
C SER A 150 -21.97 -0.44 2.76
N THR A 151 -21.99 -0.25 1.44
CA THR A 151 -21.06 0.65 0.78
C THR A 151 -21.50 2.12 0.95
N LYS A 152 -20.53 2.98 1.25
CA LYS A 152 -20.77 4.41 1.42
C LYS A 152 -19.65 5.21 0.76
N GLY A 153 -20.04 6.21 -0.05
CA GLY A 153 -19.08 7.05 -0.71
C GLY A 153 -18.42 8.04 0.24
N PRO A 154 -17.27 8.55 -0.15
CA PRO A 154 -16.53 9.48 0.72
C PRO A 154 -16.99 10.91 0.59
N SER A 155 -16.58 11.71 1.56
CA SER A 155 -16.67 13.16 1.49
C SER A 155 -15.26 13.70 1.32
N VAL A 156 -15.08 14.59 0.35
CA VAL A 156 -13.78 15.19 0.08
C VAL A 156 -13.80 16.62 0.57
N PHE A 157 -12.90 16.94 1.51
CA PHE A 157 -12.74 18.28 2.03
C PHE A 157 -11.34 18.79 1.76
N PRO A 158 -11.18 20.08 1.49
CA PRO A 158 -9.86 20.62 1.16
C PRO A 158 -9.02 20.87 2.41
N LEU A 159 -7.72 20.91 2.19
CA LEU A 159 -6.72 21.25 3.20
C LEU A 159 -5.91 22.39 2.59
N ALA A 160 -6.36 23.61 2.86
CA ALA A 160 -5.89 24.76 2.12
C ALA A 160 -4.47 25.13 2.50
N PRO A 161 -3.66 25.57 1.55
CA PRO A 161 -2.36 26.16 1.90
C PRO A 161 -2.54 27.51 2.57
N SER A 162 -1.58 27.83 3.43
CA SER A 162 -1.55 29.09 4.15
C SER A 162 -0.11 29.42 4.51
N SER A 163 0.07 30.54 5.21
CA SER A 163 1.33 30.79 5.89
C SER A 163 1.59 29.77 6.98
N LYS A 164 0.56 29.06 7.43
CA LYS A 164 0.70 28.01 8.43
C LYS A 164 0.98 26.65 7.80
N SER A 165 1.01 26.59 6.47
CA SER A 165 1.55 25.42 5.76
C SER A 165 2.72 25.80 4.87
N THR A 166 3.30 26.99 5.06
CA THR A 166 4.43 27.45 4.26
C THR A 166 5.72 27.36 5.07
N SER A 167 6.81 27.00 4.40
CA SER A 167 8.13 27.00 5.02
C SER A 167 9.19 27.03 3.92
N GLY A 168 9.96 28.12 3.86
CA GLY A 168 11.08 28.20 2.94
C GLY A 168 10.72 28.05 1.48
N GLY A 169 9.71 28.79 1.02
CA GLY A 169 9.32 28.77 -0.37
C GLY A 169 8.51 27.56 -0.80
N THR A 170 8.25 26.61 0.10
CA THR A 170 7.42 25.46 -0.20
C THR A 170 6.17 25.52 0.67
N ALA A 171 5.02 25.14 0.10
CA ALA A 171 3.76 25.13 0.81
C ALA A 171 3.09 23.78 0.66
N ALA A 172 2.34 23.40 1.68
CA ALA A 172 1.63 22.12 1.69
C ALA A 172 0.13 22.35 1.54
N LEU A 173 -0.50 21.55 0.68
CA LEU A 173 -1.95 21.56 0.56
C LEU A 173 -2.40 20.11 0.41
N GLY A 174 -3.68 19.87 0.69
CA GLY A 174 -4.13 18.50 0.65
C GLY A 174 -5.63 18.35 0.52
N CYS A 175 -6.06 17.08 0.49
CA CYS A 175 -7.47 16.73 0.43
C CYS A 175 -7.74 15.68 1.49
N LEU A 176 -8.83 15.87 2.21
CA LEU A 176 -9.23 14.98 3.29
C LEU A 176 -10.40 14.13 2.80
N VAL A 177 -10.18 12.83 2.70
CA VAL A 177 -11.14 11.92 2.11
C VAL A 177 -11.74 11.10 3.24
N LYS A 178 -12.97 11.44 3.64
CA LYS A 178 -13.52 10.99 4.91
C LYS A 178 -14.79 10.17 4.72
N ASP A 179 -14.97 9.19 5.61
CA ASP A 179 -16.23 8.48 5.82
C ASP A 179 -16.66 7.67 4.59
N TYR A 180 -15.83 6.69 4.24
CA TYR A 180 -16.13 5.83 3.11
C TYR A 180 -15.94 4.37 3.49
N PHE A 181 -16.52 3.49 2.67
CA PHE A 181 -16.41 2.05 2.84
C PHE A 181 -16.92 1.33 1.59
N PRO A 182 -16.24 0.27 1.13
CA PRO A 182 -14.98 -0.19 1.69
C PRO A 182 -13.79 0.50 1.05
N GLU A 183 -12.59 0.02 1.36
CA GLU A 183 -11.41 0.38 0.59
C GLU A 183 -11.55 -0.18 -0.82
N PRO A 184 -10.76 0.33 -1.78
CA PRO A 184 -9.79 1.41 -1.69
C PRO A 184 -10.31 2.73 -2.27
N VAL A 185 -9.60 3.82 -2.04
CA VAL A 185 -9.78 5.02 -2.82
C VAL A 185 -8.48 5.34 -3.52
N THR A 186 -8.59 5.82 -4.75
CA THR A 186 -7.48 6.43 -5.44
C THR A 186 -7.55 7.93 -5.25
N VAL A 187 -6.40 8.57 -5.06
CA VAL A 187 -6.31 10.01 -5.13
C VAL A 187 -5.17 10.36 -6.07
N SER A 188 -5.47 11.14 -7.09
CA SER A 188 -4.46 11.79 -7.92
C SER A 188 -4.64 13.30 -7.80
N TRP A 189 -3.71 14.03 -8.41
CA TRP A 189 -3.69 15.49 -8.34
C TRP A 189 -3.55 16.07 -9.74
N ASN A 190 -4.42 17.04 -10.07
CA ASN A 190 -4.47 17.64 -11.39
C ASN A 190 -4.54 16.57 -12.48
N SER A 191 -5.48 15.63 -12.31
CA SER A 191 -5.69 14.51 -13.24
C SER A 191 -4.41 13.72 -13.48
N GLY A 192 -3.51 13.70 -12.50
CA GLY A 192 -2.26 12.98 -12.65
C GLY A 192 -1.16 13.77 -13.32
N ALA A 193 -1.36 15.07 -13.54
CA ALA A 193 -0.28 15.91 -14.06
C ALA A 193 0.75 16.21 -12.99
N LEU A 194 0.35 16.17 -11.71
CA LEU A 194 1.20 16.54 -10.58
C LEU A 194 1.46 15.29 -9.74
N THR A 195 2.72 14.87 -9.68
CA THR A 195 3.09 13.62 -9.02
C THR A 195 4.15 13.78 -7.94
N SER A 196 5.17 14.61 -8.15
CA SER A 196 6.20 14.72 -7.14
C SER A 196 5.69 15.53 -5.95
N GLY A 197 6.33 15.31 -4.79
CA GLY A 197 5.91 15.95 -3.56
C GLY A 197 4.59 15.44 -3.00
N VAL A 198 4.02 14.35 -3.54
CA VAL A 198 2.69 13.88 -3.18
C VAL A 198 2.82 12.81 -2.11
N HIS A 199 1.96 12.88 -1.09
CA HIS A 199 1.87 11.83 -0.07
C HIS A 199 0.40 11.51 0.14
N THR A 200 0.00 10.31 -0.25
CA THR A 200 -1.31 9.80 0.06
C THR A 200 -1.14 8.79 1.19
N PHE A 201 -1.77 9.06 2.31
CA PHE A 201 -1.52 8.29 3.51
C PHE A 201 -2.36 7.01 3.52
N PRO A 202 -1.90 5.98 4.21
CA PRO A 202 -2.74 4.80 4.40
C PRO A 202 -4.06 5.19 5.05
N ALA A 203 -5.14 4.55 4.61
CA ALA A 203 -6.42 4.79 5.22
C ALA A 203 -6.39 4.39 6.69
N VAL A 204 -7.27 5.00 7.47
CA VAL A 204 -7.40 4.66 8.88
C VAL A 204 -8.86 4.29 9.14
N LEU A 205 -9.06 3.23 9.90
CA LEU A 205 -10.40 2.71 10.14
C LEU A 205 -10.98 3.36 11.39
N GLN A 206 -12.05 4.12 11.22
CA GLN A 206 -12.63 4.89 12.31
C GLN A 206 -13.51 4.00 13.19
N SER A 207 -13.87 4.55 14.35
CA SER A 207 -14.72 3.82 15.28
C SER A 207 -16.12 3.60 14.71
N SER A 208 -16.56 4.48 13.81
CA SER A 208 -17.82 4.25 13.11
C SER A 208 -17.76 3.06 12.18
N GLY A 209 -16.58 2.51 11.92
CA GLY A 209 -16.42 1.46 10.93
C GLY A 209 -16.22 1.98 9.53
N LEU A 210 -16.05 3.28 9.35
CA LEU A 210 -15.77 3.87 8.05
C LEU A 210 -14.30 4.25 7.98
N TYR A 211 -13.79 4.33 6.76
CA TYR A 211 -12.40 4.70 6.52
C TYR A 211 -12.30 6.18 6.21
N SER A 212 -11.13 6.73 6.49
CA SER A 212 -10.77 8.06 6.01
C SER A 212 -9.27 8.10 5.79
N LEU A 213 -8.86 8.92 4.84
CA LEU A 213 -7.44 9.17 4.61
C LEU A 213 -7.31 10.58 4.09
N SER A 214 -6.07 11.04 4.00
CA SER A 214 -5.78 12.33 3.39
C SER A 214 -4.61 12.18 2.44
N SER A 215 -4.59 13.04 1.44
CA SER A 215 -3.51 13.16 0.50
C SER A 215 -3.01 14.58 0.55
N VAL A 216 -1.70 14.75 0.73
CA VAL A 216 -1.10 16.06 0.81
C VAL A 216 -0.12 16.20 -0.35
N VAL A 217 0.19 17.46 -0.68
CA VAL A 217 1.20 17.73 -1.70
C VAL A 217 1.91 19.01 -1.32
N THR A 218 3.21 19.05 -1.59
CA THR A 218 4.00 20.24 -1.36
C THR A 218 4.36 20.90 -2.69
N VAL A 219 4.21 22.21 -2.74
CA VAL A 219 4.37 22.96 -3.99
C VAL A 219 5.15 24.23 -3.69
N PRO A 220 5.75 24.84 -4.73
CA PRO A 220 6.37 26.16 -4.52
C PRO A 220 5.32 27.18 -4.12
N SER A 221 5.56 27.85 -3.00
CA SER A 221 4.60 28.81 -2.46
C SER A 221 4.23 29.90 -3.49
N SER A 222 5.16 30.26 -4.36
CA SER A 222 4.88 31.27 -5.36
C SER A 222 3.84 30.83 -6.38
N SER A 223 3.61 29.53 -6.51
CA SER A 223 2.63 29.03 -7.48
C SER A 223 1.21 29.05 -6.94
N LEU A 224 1.01 29.43 -5.67
CA LEU A 224 -0.31 29.37 -5.05
C LEU A 224 -1.28 30.38 -5.64
N GLY A 225 -0.78 31.36 -6.37
CA GLY A 225 -1.66 32.37 -6.94
C GLY A 225 -2.11 32.01 -8.32
N THR A 226 -1.21 31.38 -9.09
CA THR A 226 -1.41 31.12 -10.51
C THR A 226 -1.94 29.72 -10.79
N GLN A 227 -1.36 28.70 -10.18
CA GLN A 227 -1.65 27.32 -10.51
C GLN A 227 -2.86 26.82 -9.72
N THR A 228 -3.83 26.24 -10.43
CA THR A 228 -4.95 25.58 -9.79
C THR A 228 -4.55 24.16 -9.41
N TYR A 229 -4.81 23.78 -8.16
CA TYR A 229 -4.58 22.43 -7.69
C TYR A 229 -5.90 21.75 -7.44
N ILE A 230 -6.07 20.58 -8.04
CA ILE A 230 -7.32 19.82 -7.94
C ILE A 230 -6.95 18.40 -7.54
N CYS A 231 -7.59 17.89 -6.49
CA CYS A 231 -7.42 16.49 -6.15
C CYS A 231 -8.59 15.71 -6.74
N ASN A 232 -8.29 14.54 -7.30
CA ASN A 232 -9.29 13.68 -7.92
C ASN A 232 -9.42 12.42 -7.07
N VAL A 233 -10.62 12.15 -6.58
CA VAL A 233 -10.85 11.06 -5.64
C VAL A 233 -11.79 10.04 -6.29
N ASN A 234 -11.35 8.79 -6.37
CA ASN A 234 -12.11 7.70 -6.97
C ASN A 234 -12.42 6.66 -5.91
N HIS A 235 -13.71 6.34 -5.76
CA HIS A 235 -14.16 5.27 -4.87
C HIS A 235 -15.12 4.40 -5.68
N LYS A 236 -14.56 3.46 -6.42
CA LYS A 236 -15.35 2.58 -7.27
C LYS A 236 -16.47 1.85 -6.55
N PRO A 237 -16.31 1.35 -5.32
CA PRO A 237 -17.41 0.60 -4.70
C PRO A 237 -18.70 1.39 -4.59
N SER A 238 -18.64 2.72 -4.63
CA SER A 238 -19.82 3.58 -4.51
C SER A 238 -19.99 4.49 -5.72
N ASN A 239 -19.37 4.16 -6.85
CA ASN A 239 -19.46 4.92 -8.09
C ASN A 239 -18.97 6.36 -7.95
N THR A 240 -18.32 6.71 -6.85
CA THR A 240 -17.96 8.10 -6.63
C THR A 240 -16.71 8.48 -7.41
N LYS A 241 -16.72 9.69 -7.97
CA LYS A 241 -15.57 10.23 -8.70
C LYS A 241 -15.63 11.75 -8.55
N VAL A 242 -14.79 12.29 -7.67
CA VAL A 242 -14.90 13.66 -7.21
C VAL A 242 -13.65 14.43 -7.60
N ASP A 243 -13.84 15.60 -8.20
CA ASP A 243 -12.77 16.58 -8.40
C ASP A 243 -13.05 17.75 -7.47
N LYS A 244 -12.07 18.12 -6.66
CA LYS A 244 -12.23 19.17 -5.65
C LYS A 244 -11.05 20.12 -5.72
N LYS A 245 -11.32 21.38 -6.03
CA LYS A 245 -10.28 22.40 -6.09
C LYS A 245 -9.88 22.83 -4.68
N VAL A 246 -8.58 22.95 -4.46
CA VAL A 246 -8.01 23.29 -3.14
C VAL A 246 -7.34 24.64 -3.25
N GLU A 247 -8.01 25.69 -2.81
CA GLU A 247 -7.49 27.02 -2.97
C GLU A 247 -6.94 27.57 -1.65
N PRO A 248 -5.99 28.51 -1.72
CA PRO A 248 -5.38 29.02 -0.48
C PRO A 248 -6.35 29.81 0.39
N LYS A 249 -6.25 29.60 1.70
CA LYS A 249 -6.80 30.51 2.69
C LYS A 249 -5.72 31.48 3.13
N SER A 250 -6.12 32.47 3.92
CA SER A 250 -5.21 33.52 4.39
C SER A 250 -5.21 33.54 5.92
N CYS A 251 -4.24 32.86 6.53
CA CYS A 251 -4.13 32.81 7.98
C CYS A 251 -3.13 33.85 8.49
N SER B 24 2.53 -33.70 3.73
CA SER B 24 2.42 -32.47 4.50
C SER B 24 2.96 -31.31 3.67
N ASP B 25 2.27 -30.17 3.75
CA ASP B 25 2.66 -29.02 2.94
C ASP B 25 4.05 -28.54 3.33
N ILE B 26 4.84 -28.18 2.34
CA ILE B 26 6.21 -27.74 2.57
C ILE B 26 6.20 -26.30 3.08
N GLN B 27 6.88 -26.05 4.20
CA GLN B 27 6.99 -24.70 4.75
C GLN B 27 8.32 -24.06 4.36
N MET B 28 8.26 -22.79 4.02
CA MET B 28 9.43 -21.96 3.76
C MET B 28 9.57 -20.98 4.93
N THR B 29 10.50 -21.28 5.84
CA THR B 29 10.73 -20.45 7.02
C THR B 29 11.72 -19.37 6.65
N GLN B 30 11.27 -18.11 6.69
CA GLN B 30 12.07 -16.98 6.22
C GLN B 30 12.52 -16.10 7.38
N SER B 31 13.75 -15.61 7.30
CA SER B 31 14.31 -14.78 8.36
C SER B 31 15.33 -13.84 7.76
N PRO B 32 15.53 -12.65 8.35
CA PRO B 32 14.77 -12.16 9.53
C PRO B 32 13.40 -11.62 9.11
N SER B 33 12.52 -11.36 10.08
CA SER B 33 11.20 -10.81 9.71
C SER B 33 11.30 -9.41 9.14
N SER B 34 12.26 -8.63 9.62
CA SER B 34 12.59 -7.32 9.07
C SER B 34 14.06 -7.10 9.30
N LEU B 35 14.63 -6.17 8.53
CA LEU B 35 15.95 -5.66 8.87
C LEU B 35 16.02 -4.20 8.44
N SER B 36 16.94 -3.49 9.08
CA SER B 36 17.34 -2.15 8.69
C SER B 36 18.80 -2.21 8.28
N ALA B 37 19.13 -1.62 7.16
CA ALA B 37 20.50 -1.59 6.72
C ALA B 37 20.78 -0.24 6.09
N SER B 38 22.00 0.26 6.30
CA SER B 38 22.31 1.52 5.64
C SER B 38 22.63 1.25 4.16
N VAL B 39 22.41 2.29 3.35
CA VAL B 39 22.72 2.24 1.92
C VAL B 39 24.15 1.79 1.73
N GLY B 40 24.37 0.92 0.74
CA GLY B 40 25.67 0.34 0.48
C GLY B 40 25.96 -0.94 1.25
N ASP B 41 25.12 -1.31 2.21
CA ASP B 41 25.35 -2.51 2.99
C ASP B 41 25.05 -3.74 2.14
N ARG B 42 25.73 -4.84 2.45
CA ARG B 42 25.38 -6.14 1.91
C ARG B 42 24.27 -6.73 2.77
N VAL B 43 23.16 -7.13 2.14
CA VAL B 43 22.00 -7.64 2.85
C VAL B 43 21.81 -9.11 2.49
N THR B 44 21.55 -9.93 3.50
CA THR B 44 21.32 -11.36 3.32
C THR B 44 19.96 -11.76 3.89
N ILE B 45 19.14 -12.41 3.08
CA ILE B 45 17.85 -12.93 3.51
C ILE B 45 17.85 -14.44 3.35
N THR B 46 17.35 -15.15 4.35
CA THR B 46 17.44 -16.60 4.40
C THR B 46 16.07 -17.27 4.44
N CYS B 47 15.94 -18.34 3.66
CA CYS B 47 14.73 -19.14 3.62
C CYS B 47 15.10 -20.61 3.75
N ARG B 48 14.35 -21.33 4.59
CA ARG B 48 14.70 -22.68 5.01
C ARG B 48 13.50 -23.58 4.80
N ALA B 49 13.62 -24.49 3.84
CA ALA B 49 12.52 -25.37 3.46
C ALA B 49 12.41 -26.54 4.44
N SER B 50 11.18 -26.91 4.79
CA SER B 50 10.94 -27.99 5.73
C SER B 50 11.25 -29.37 5.15
N GLN B 51 11.40 -29.47 3.83
CA GLN B 51 11.82 -30.71 3.19
C GLN B 51 12.41 -30.31 1.85
N SER B 52 12.96 -31.27 1.14
CA SER B 52 13.70 -30.92 -0.07
C SER B 52 12.77 -30.27 -1.10
N VAL B 53 13.25 -29.20 -1.71
CA VAL B 53 12.52 -28.57 -2.80
C VAL B 53 13.37 -28.50 -4.06
N SER B 54 14.38 -29.36 -4.13
CA SER B 54 15.38 -29.33 -5.21
C SER B 54 15.86 -27.89 -5.32
N SER B 55 15.87 -27.29 -6.51
CA SER B 55 16.21 -25.89 -6.67
C SER B 55 15.01 -25.07 -7.08
N ALA B 56 13.80 -25.55 -6.80
CA ALA B 56 12.60 -24.92 -7.35
C ALA B 56 12.14 -23.76 -6.46
N VAL B 57 13.00 -22.76 -6.28
CA VAL B 57 12.76 -21.66 -5.35
C VAL B 57 12.83 -20.33 -6.10
N ALA B 58 11.84 -19.48 -5.89
CA ALA B 58 11.86 -18.14 -6.46
C ALA B 58 11.90 -17.08 -5.35
N TRP B 59 12.52 -15.94 -5.67
CA TRP B 59 12.52 -14.78 -4.78
C TRP B 59 11.78 -13.63 -5.47
N TYR B 60 10.97 -12.91 -4.70
CA TYR B 60 10.22 -11.76 -5.18
C TYR B 60 10.49 -10.52 -4.35
N GLN B 61 10.41 -9.36 -5.00
CA GLN B 61 10.44 -8.06 -4.38
C GLN B 61 9.05 -7.42 -4.49
N GLN B 62 8.49 -6.95 -3.38
CA GLN B 62 7.17 -6.33 -3.40
C GLN B 62 7.19 -4.94 -2.81
N LYS B 63 6.88 -4.01 -3.56
CA LYS B 63 6.92 -2.64 -3.09
C LYS B 63 5.53 -2.17 -2.68
N PRO B 64 5.45 -1.20 -1.77
CA PRO B 64 4.13 -0.77 -1.25
C PRO B 64 3.17 -0.53 -2.39
N GLY B 65 1.98 -1.13 -2.27
CA GLY B 65 0.90 -0.93 -3.22
C GLY B 65 1.00 -1.70 -4.51
N LYS B 66 2.00 -2.54 -4.68
CA LYS B 66 2.33 -3.06 -6.00
C LYS B 66 2.42 -4.57 -5.96
N ALA B 67 2.23 -5.19 -7.12
CA ALA B 67 2.39 -6.62 -7.24
C ALA B 67 3.85 -7.01 -7.00
N PRO B 68 4.09 -8.20 -6.45
CA PRO B 68 5.45 -8.76 -6.42
C PRO B 68 6.07 -8.76 -7.80
N LYS B 69 7.40 -8.55 -7.83
CA LYS B 69 8.18 -8.70 -9.05
C LYS B 69 9.20 -9.82 -8.86
N LEU B 70 9.49 -10.54 -9.95
CA LEU B 70 10.41 -11.67 -9.88
C LEU B 70 11.87 -11.20 -9.88
N LEU B 71 12.68 -11.73 -8.96
CA LEU B 71 14.12 -11.43 -8.93
C LEU B 71 15.00 -12.62 -9.31
N ILE B 72 14.70 -13.80 -8.77
CA ILE B 72 15.54 -14.99 -8.87
C ILE B 72 14.62 -16.18 -9.11
N TYR B 73 15.00 -17.05 -10.04
CA TYR B 73 14.29 -18.31 -10.26
C TYR B 73 15.28 -19.48 -10.17
N SER B 74 14.74 -20.67 -9.95
CA SER B 74 15.56 -21.89 -9.83
C SER B 74 16.70 -21.69 -8.84
N ALA B 75 16.39 -20.93 -7.80
CA ALA B 75 17.19 -20.62 -6.60
C ALA B 75 18.39 -19.73 -6.83
N SER B 76 18.93 -19.70 -8.05
CA SER B 76 20.18 -18.99 -8.24
C SER B 76 20.27 -18.31 -9.60
N SER B 77 19.20 -18.29 -10.38
CA SER B 77 19.24 -17.67 -11.71
C SER B 77 18.60 -16.30 -11.67
N LEU B 78 19.31 -15.31 -12.20
CA LEU B 78 18.86 -13.93 -12.18
C LEU B 78 17.80 -13.72 -13.26
N TYR B 79 16.61 -13.30 -12.84
CA TYR B 79 15.57 -13.00 -13.83
C TYR B 79 16.06 -11.87 -14.73
N SER B 80 15.65 -11.95 -16.00
CA SER B 80 16.05 -10.96 -16.99
C SER B 80 15.52 -9.58 -16.60
N GLY B 81 16.36 -8.57 -16.77
CA GLY B 81 16.02 -7.22 -16.37
C GLY B 81 16.36 -6.86 -14.93
N VAL B 82 16.65 -7.84 -14.07
CA VAL B 82 16.87 -7.57 -12.65
C VAL B 82 18.33 -7.17 -12.43
N PRO B 83 18.60 -6.10 -11.69
CA PRO B 83 20.00 -5.67 -11.48
C PRO B 83 20.85 -6.77 -10.85
N SER B 84 22.07 -6.88 -11.32
CA SER B 84 22.99 -7.92 -10.86
C SER B 84 23.42 -7.78 -9.42
N ARG B 85 23.08 -6.68 -8.73
CA ARG B 85 23.36 -6.67 -7.30
C ARG B 85 22.50 -7.66 -6.52
N PHE B 86 21.46 -8.22 -7.13
CA PHE B 86 20.70 -9.32 -6.52
C PHE B 86 21.27 -10.65 -6.97
N SER B 87 21.31 -11.62 -6.06
CA SER B 87 21.80 -12.96 -6.35
C SER B 87 21.19 -13.94 -5.36
N GLY B 88 21.05 -15.19 -5.81
CA GLY B 88 20.52 -16.25 -4.97
C GLY B 88 21.46 -17.44 -4.96
N SER B 89 21.40 -18.19 -3.86
CA SER B 89 22.28 -19.32 -3.68
C SER B 89 21.52 -20.43 -2.98
N ARG B 90 22.00 -21.66 -3.15
CA ARG B 90 21.37 -22.79 -2.48
C ARG B 90 22.41 -23.63 -1.77
N SER B 91 22.06 -24.07 -0.57
CA SER B 91 22.85 -25.09 0.14
C SER B 91 21.85 -26.05 0.77
N GLY B 92 21.64 -27.20 0.11
CA GLY B 92 20.61 -28.14 0.54
C GLY B 92 19.22 -27.54 0.52
N THR B 93 18.63 -27.42 1.72
CA THR B 93 17.34 -26.78 1.92
C THR B 93 17.44 -25.34 2.42
N ASP B 94 18.65 -24.77 2.49
CA ASP B 94 18.80 -23.37 2.84
C ASP B 94 18.95 -22.56 1.57
N PHE B 95 18.15 -21.52 1.43
CA PHE B 95 18.20 -20.64 0.28
C PHE B 95 18.45 -19.23 0.78
N THR B 96 19.31 -18.51 0.07
CA THR B 96 19.67 -17.16 0.49
C THR B 96 19.51 -16.20 -0.67
N LEU B 97 18.86 -15.07 -0.39
CA LEU B 97 18.88 -13.94 -1.29
C LEU B 97 19.88 -12.93 -0.74
N THR B 98 20.72 -12.39 -1.63
CA THR B 98 21.73 -11.42 -1.27
C THR B 98 21.58 -10.17 -2.13
N ILE B 99 21.67 -9.01 -1.48
CA ILE B 99 21.82 -7.72 -2.14
C ILE B 99 23.24 -7.23 -1.87
N SER B 100 24.07 -7.18 -2.91
CA SER B 100 25.49 -6.91 -2.70
C SER B 100 25.75 -5.49 -2.20
N SER B 101 24.88 -4.54 -2.56
CA SER B 101 25.02 -3.16 -2.07
C SER B 101 23.62 -2.53 -2.09
N LEU B 102 23.03 -2.37 -0.91
CA LEU B 102 21.65 -1.95 -0.82
C LEU B 102 21.49 -0.52 -1.35
N GLN B 103 20.49 -0.33 -2.20
CA GLN B 103 20.20 0.98 -2.76
C GLN B 103 18.90 1.52 -2.18
N PRO B 104 18.70 2.84 -2.19
CA PRO B 104 17.47 3.38 -1.57
C PRO B 104 16.20 2.81 -2.17
N GLU B 105 16.18 2.58 -3.48
CA GLU B 105 15.02 1.99 -4.13
C GLU B 105 14.81 0.54 -3.78
N ASP B 106 15.73 -0.09 -3.03
CA ASP B 106 15.56 -1.49 -2.67
C ASP B 106 14.68 -1.66 -1.45
N PHE B 107 14.10 -0.57 -0.93
CA PHE B 107 13.10 -0.69 0.12
C PHE B 107 11.90 -1.47 -0.41
N ALA B 108 11.56 -2.55 0.29
CA ALA B 108 10.55 -3.50 -0.16
C ALA B 108 10.42 -4.61 0.88
N THR B 109 9.42 -5.46 0.66
CA THR B 109 9.33 -6.75 1.31
C THR B 109 9.73 -7.82 0.29
N TYR B 110 10.55 -8.78 0.72
CA TYR B 110 11.07 -9.81 -0.15
C TYR B 110 10.51 -11.14 0.30
N TYR B 111 10.13 -11.96 -0.67
CA TYR B 111 9.49 -13.24 -0.41
C TYR B 111 10.23 -14.31 -1.19
N CYS B 112 10.48 -15.42 -0.51
CA CYS B 112 10.84 -16.66 -1.18
C CYS B 112 9.57 -17.46 -1.41
N GLN B 113 9.59 -18.35 -2.40
CA GLN B 113 8.48 -19.24 -2.75
C GLN B 113 9.06 -20.61 -3.13
N GLN B 114 8.42 -21.70 -2.71
CA GLN B 114 8.75 -23.01 -3.26
C GLN B 114 7.72 -23.43 -4.31
N SER B 115 8.22 -23.96 -5.43
CA SER B 115 7.40 -24.44 -6.55
C SER B 115 7.80 -25.86 -6.88
N TYR B 116 8.13 -26.61 -5.85
CA TYR B 116 8.50 -28.00 -5.99
C TYR B 116 7.29 -28.93 -5.94
N SER B 117 6.35 -28.66 -5.05
CA SER B 117 5.15 -29.48 -4.99
C SER B 117 3.98 -28.59 -4.60
N PHE B 118 2.79 -29.06 -4.93
CA PHE B 118 1.56 -28.39 -4.60
C PHE B 118 1.07 -28.84 -3.23
N PRO B 119 0.59 -27.91 -2.39
CA PRO B 119 0.40 -26.50 -2.74
C PRO B 119 1.67 -25.68 -2.72
N SER B 120 1.72 -24.65 -3.55
CA SER B 120 2.86 -23.74 -3.50
C SER B 120 2.86 -23.00 -2.18
N THR B 121 4.06 -22.59 -1.74
CA THR B 121 4.23 -21.99 -0.42
C THR B 121 5.18 -20.80 -0.50
N PHE B 122 4.79 -19.68 0.15
CA PHE B 122 5.66 -18.52 0.33
C PHE B 122 6.14 -18.42 1.78
N GLY B 123 7.37 -17.92 1.94
CA GLY B 123 7.80 -17.46 3.24
C GLY B 123 7.08 -16.20 3.67
N GLN B 124 7.13 -15.95 4.97
CA GLN B 124 6.38 -14.87 5.60
C GLN B 124 6.78 -13.49 5.11
N GLY B 125 7.93 -13.36 4.45
CA GLY B 125 8.42 -12.11 3.90
C GLY B 125 9.46 -11.44 4.79
N THR B 126 10.28 -10.58 4.17
CA THR B 126 11.24 -9.77 4.92
C THR B 126 11.15 -8.32 4.47
N LYS B 127 10.77 -7.43 5.39
CA LYS B 127 10.68 -6.01 5.07
C LYS B 127 12.05 -5.37 5.31
N VAL B 128 12.65 -4.86 4.24
CA VAL B 128 13.96 -4.19 4.30
C VAL B 128 13.74 -2.69 4.40
N GLU B 129 14.30 -2.09 5.44
CA GLU B 129 14.27 -0.66 5.72
C GLU B 129 15.66 -0.05 5.49
N ILE B 130 15.67 1.17 4.99
CA ILE B 130 16.89 1.91 4.77
C ILE B 130 17.21 2.72 6.01
N LYS B 131 18.46 2.62 6.49
CA LYS B 131 18.95 3.51 7.54
C LYS B 131 19.60 4.72 6.88
N ARG B 132 19.27 5.92 7.38
CA ARG B 132 19.87 7.11 6.83
C ARG B 132 20.05 8.13 7.93
N THR B 133 20.59 9.29 7.55
CA THR B 133 20.88 10.34 8.51
C THR B 133 19.57 10.90 9.09
N VAL B 134 19.67 11.43 10.31
CA VAL B 134 18.49 12.00 10.95
C VAL B 134 17.97 13.17 10.11
N ALA B 135 16.65 13.25 9.97
CA ALA B 135 16.00 14.37 9.30
C ALA B 135 14.78 14.77 10.12
N ALA B 136 14.78 16.00 10.60
CA ALA B 136 13.65 16.52 11.35
C ALA B 136 12.45 16.74 10.41
N PRO B 137 11.24 16.58 10.92
CA PRO B 137 10.06 16.83 10.09
C PRO B 137 9.81 18.32 9.92
N SER B 138 9.20 18.65 8.77
CA SER B 138 8.50 19.92 8.62
C SER B 138 7.07 19.70 9.10
N VAL B 139 6.52 20.70 9.78
CA VAL B 139 5.26 20.53 10.50
C VAL B 139 4.28 21.57 10.00
N PHE B 140 3.11 21.13 9.57
CA PHE B 140 2.07 22.01 9.04
C PHE B 140 0.73 21.63 9.64
N ILE B 141 -0.08 22.64 9.92
CA ILE B 141 -1.40 22.40 10.49
C ILE B 141 -2.45 22.92 9.51
N PHE B 142 -3.60 22.24 9.50
CA PHE B 142 -4.69 22.55 8.58
C PHE B 142 -5.98 22.68 9.37
N PRO B 143 -6.55 23.87 9.46
CA PRO B 143 -7.86 24.03 10.12
C PRO B 143 -8.95 23.35 9.31
N PRO B 144 -10.04 22.94 9.95
CA PRO B 144 -11.13 22.29 9.20
C PRO B 144 -11.71 23.23 8.17
N SER B 145 -12.24 22.64 7.10
CA SER B 145 -12.83 23.41 6.02
C SER B 145 -14.21 23.92 6.43
N ASP B 146 -14.61 25.04 5.81
CA ASP B 146 -15.99 25.49 5.92
C ASP B 146 -16.95 24.39 5.50
N GLU B 147 -16.61 23.68 4.43
CA GLU B 147 -17.50 22.66 3.89
C GLU B 147 -17.73 21.53 4.89
N GLN B 148 -16.69 21.14 5.62
CA GLN B 148 -16.87 20.10 6.63
C GLN B 148 -17.73 20.57 7.79
N LEU B 149 -17.55 21.82 8.21
CA LEU B 149 -18.23 22.29 9.41
C LEU B 149 -19.73 22.23 9.26
N LYS B 150 -20.25 22.66 8.11
CA LYS B 150 -21.71 22.67 7.98
C LYS B 150 -22.29 21.28 7.74
N SER B 151 -21.47 20.27 7.48
CA SER B 151 -21.98 18.90 7.55
C SER B 151 -22.12 18.42 8.98
N GLY B 152 -21.34 18.96 9.92
CA GLY B 152 -21.55 18.66 11.32
C GLY B 152 -20.34 18.29 12.15
N THR B 153 -19.18 18.09 11.53
CA THR B 153 -17.98 17.70 12.29
C THR B 153 -16.80 18.56 11.86
N ALA B 154 -15.65 18.34 12.51
CA ALA B 154 -14.45 19.15 12.29
C ALA B 154 -13.20 18.29 12.47
N SER B 155 -12.37 18.26 11.43
CA SER B 155 -11.09 17.57 11.47
C SER B 155 -9.97 18.59 11.41
N VAL B 156 -9.05 18.51 12.38
CA VAL B 156 -7.81 19.28 12.35
C VAL B 156 -6.70 18.33 11.95
N VAL B 157 -5.92 18.71 10.95
CA VAL B 157 -4.88 17.86 10.39
C VAL B 157 -3.52 18.42 10.72
N CYS B 158 -2.65 17.59 11.27
CA CYS B 158 -1.25 17.94 11.45
C CYS B 158 -0.39 17.07 10.55
N LEU B 159 0.44 17.71 9.74
CA LEU B 159 1.27 17.03 8.76
C LEU B 159 2.72 17.14 9.19
N LEU B 160 3.36 15.99 9.39
CA LEU B 160 4.79 15.88 9.64
C LEU B 160 5.43 15.32 8.38
N ASN B 161 6.27 16.11 7.72
CA ASN B 161 6.69 15.80 6.37
C ASN B 161 8.18 15.48 6.30
N ASN B 162 8.50 14.32 5.70
CA ASN B 162 9.84 13.98 5.23
C ASN B 162 10.86 13.97 6.38
N PHE B 163 10.60 13.11 7.37
CA PHE B 163 11.47 13.00 8.52
C PHE B 163 12.03 11.58 8.62
N TYR B 164 13.14 11.46 9.36
CA TYR B 164 13.74 10.18 9.70
C TYR B 164 14.38 10.31 11.08
N PRO B 165 14.21 9.31 11.96
CA PRO B 165 13.51 8.03 11.76
C PRO B 165 11.99 8.14 11.88
N ARG B 166 11.32 6.99 11.82
CA ARG B 166 9.86 6.98 11.81
C ARG B 166 9.27 7.39 13.15
N GLU B 167 9.97 7.12 14.25
CA GLU B 167 9.42 7.42 15.56
C GLU B 167 9.19 8.92 15.71
N ALA B 168 8.00 9.29 16.19
CA ALA B 168 7.62 10.69 16.29
C ALA B 168 6.44 10.81 17.24
N LYS B 169 6.43 11.87 18.04
CA LYS B 169 5.35 12.14 19.00
C LYS B 169 4.51 13.29 18.49
N VAL B 170 3.19 13.08 18.46
CA VAL B 170 2.24 14.13 18.12
C VAL B 170 1.35 14.35 19.33
N GLN B 171 1.37 15.56 19.86
CA GLN B 171 0.56 15.94 21.00
C GLN B 171 -0.41 17.03 20.57
N TRP B 172 -1.70 16.80 20.83
CA TRP B 172 -2.74 17.79 20.55
C TRP B 172 -3.13 18.51 21.84
N LYS B 173 -3.10 19.84 21.81
CA LYS B 173 -3.56 20.68 22.89
C LYS B 173 -4.67 21.60 22.39
N VAL B 174 -5.81 21.60 23.07
CA VAL B 174 -6.94 22.47 22.74
C VAL B 174 -7.09 23.45 23.89
N ASP B 175 -6.76 24.72 23.63
CA ASP B 175 -6.66 25.73 24.68
C ASP B 175 -5.76 25.26 25.83
N ASN B 176 -4.63 24.64 25.46
CA ASN B 176 -3.60 24.15 26.37
C ASN B 176 -4.05 22.95 27.20
N ALA B 177 -5.09 22.25 26.77
CA ALA B 177 -5.52 21.02 27.43
C ALA B 177 -5.21 19.84 26.51
N LEU B 178 -4.44 18.88 27.02
CA LEU B 178 -4.03 17.73 26.22
C LEU B 178 -5.24 16.89 25.81
N GLN B 179 -5.17 16.33 24.62
CA GLN B 179 -6.24 15.48 24.12
C GLN B 179 -5.86 14.02 24.28
N SER B 180 -6.88 13.16 24.38
CA SER B 180 -6.70 11.74 24.56
C SER B 180 -7.80 11.01 23.80
N GLY B 181 -7.42 10.04 22.98
CA GLY B 181 -8.38 9.30 22.19
C GLY B 181 -9.17 10.15 21.22
N ASN B 182 -8.66 11.34 20.88
CA ASN B 182 -9.38 12.28 20.03
C ASN B 182 -8.71 12.46 18.67
N SER B 183 -7.69 11.66 18.36
CA SER B 183 -6.92 11.84 17.14
C SER B 183 -6.46 10.48 16.64
N GLN B 184 -6.05 10.45 15.37
CA GLN B 184 -5.52 9.24 14.75
C GLN B 184 -4.35 9.61 13.86
N GLU B 185 -3.42 8.67 13.71
CA GLU B 185 -2.18 8.88 12.96
C GLU B 185 -2.07 7.89 11.83
N SER B 186 -1.47 8.33 10.73
CA SER B 186 -1.17 7.47 9.60
C SER B 186 0.24 7.78 9.13
N VAL B 187 1.01 6.76 8.76
CA VAL B 187 2.41 6.94 8.40
C VAL B 187 2.64 6.35 7.01
N THR B 188 3.35 7.10 6.18
CA THR B 188 3.68 6.63 4.84
C THR B 188 4.75 5.55 4.91
N GLU B 189 4.79 4.74 3.86
CA GLU B 189 5.93 3.85 3.69
C GLU B 189 7.18 4.68 3.42
N GLN B 190 8.33 4.09 3.74
CA GLN B 190 9.59 4.76 3.48
C GLN B 190 9.69 5.19 2.03
N ASP B 191 10.13 6.42 1.82
CA ASP B 191 10.27 6.98 0.49
C ASP B 191 11.36 6.27 -0.29
N SER B 192 11.05 5.91 -1.55
CA SER B 192 11.98 5.14 -2.37
C SER B 192 13.23 5.93 -2.78
N ALA B 193 13.21 7.26 -2.68
CA ALA B 193 14.35 8.08 -3.11
C ALA B 193 15.16 8.68 -1.97
N ASP B 194 14.52 9.27 -0.96
CA ASP B 194 15.25 9.91 0.12
C ASP B 194 15.11 9.17 1.45
N SER B 195 14.41 8.04 1.44
CA SER B 195 14.30 7.12 2.58
C SER B 195 13.65 7.78 3.79
N THR B 196 12.81 8.80 3.57
CA THR B 196 12.16 9.49 4.67
C THR B 196 10.74 8.97 4.89
N TYR B 197 10.11 9.50 5.94
CA TYR B 197 8.75 9.17 6.30
C TYR B 197 7.94 10.46 6.39
N SER B 198 6.64 10.34 6.17
CA SER B 198 5.71 11.42 6.46
C SER B 198 4.57 10.85 7.32
N LEU B 199 3.97 11.73 8.11
CA LEU B 199 2.91 11.29 9.01
C LEU B 199 1.80 12.35 9.04
N SER B 200 0.58 11.88 9.21
CA SER B 200 -0.56 12.75 9.41
C SER B 200 -1.23 12.34 10.70
N SER B 201 -1.53 13.32 11.54
CA SER B 201 -2.38 13.15 12.71
C SER B 201 -3.60 14.05 12.53
N THR B 202 -4.78 13.49 12.72
CA THR B 202 -6.02 14.21 12.48
C THR B 202 -6.86 14.19 13.74
N LEU B 203 -7.20 15.39 14.23
CA LEU B 203 -8.01 15.54 15.41
C LEU B 203 -9.47 15.65 14.99
N THR B 204 -10.30 14.72 15.43
CA THR B 204 -11.70 14.69 15.05
C THR B 204 -12.55 15.23 16.19
N LEU B 205 -13.41 16.21 15.88
CA LEU B 205 -14.19 16.89 16.90
C LEU B 205 -15.53 17.31 16.30
N SER B 206 -16.59 17.14 17.08
CA SER B 206 -17.91 17.60 16.65
C SER B 206 -17.91 19.11 16.50
N LYS B 207 -18.77 19.60 15.60
CA LYS B 207 -18.86 21.04 15.38
C LYS B 207 -19.24 21.76 16.67
N ALA B 208 -20.19 21.21 17.42
CA ALA B 208 -20.59 21.83 18.67
C ALA B 208 -19.44 21.89 19.66
N ASP B 209 -18.60 20.86 19.68
CA ASP B 209 -17.44 20.85 20.57
C ASP B 209 -16.36 21.78 20.04
N TYR B 210 -16.13 21.76 18.72
CA TYR B 210 -15.07 22.56 18.11
C TYR B 210 -15.23 24.04 18.41
N GLU B 211 -16.46 24.52 18.55
CA GLU B 211 -16.72 25.93 18.75
C GLU B 211 -16.76 26.32 20.22
N LYS B 212 -16.46 25.40 21.13
CA LYS B 212 -16.32 25.70 22.55
C LYS B 212 -14.93 26.17 22.93
N HIS B 213 -13.95 26.10 22.03
CA HIS B 213 -12.57 26.45 22.33
C HIS B 213 -12.00 27.25 21.18
N LYS B 214 -10.89 27.95 21.46
CA LYS B 214 -10.30 28.85 20.47
C LYS B 214 -8.99 28.36 19.89
N VAL B 215 -8.05 27.90 20.72
CA VAL B 215 -6.70 27.56 20.27
C VAL B 215 -6.61 26.05 20.03
N TYR B 216 -6.04 25.67 18.89
CA TYR B 216 -5.79 24.27 18.55
C TYR B 216 -4.33 24.13 18.16
N ALA B 217 -3.58 23.28 18.87
CA ALA B 217 -2.13 23.20 18.71
C ALA B 217 -1.68 21.75 18.48
N CYS B 218 -0.85 21.57 17.45
CA CYS B 218 -0.16 20.31 17.19
C CYS B 218 1.27 20.45 17.69
N GLU B 219 1.67 19.59 18.62
CA GLU B 219 3.02 19.63 19.20
C GLU B 219 3.77 18.36 18.83
N VAL B 220 4.93 18.51 18.22
CA VAL B 220 5.67 17.40 17.64
C VAL B 220 7.02 17.25 18.33
N THR B 221 7.33 16.04 18.77
CA THR B 221 8.65 15.69 19.26
C THR B 221 9.31 14.71 18.31
N HIS B 222 10.55 15.00 17.94
CA HIS B 222 11.30 14.11 17.06
C HIS B 222 12.79 14.31 17.30
N GLN B 223 13.55 13.22 17.09
CA GLN B 223 14.97 13.20 17.39
C GLN B 223 15.73 14.24 16.57
N GLY B 224 15.20 14.62 15.40
CA GLY B 224 15.83 15.68 14.64
C GLY B 224 15.59 17.07 15.19
N LEU B 225 14.71 17.20 16.18
CA LEU B 225 14.32 18.49 16.73
C LEU B 225 15.01 18.70 18.08
N SER B 226 15.81 19.77 18.17
CA SER B 226 16.51 20.07 19.42
C SER B 226 15.53 20.33 20.56
N SER B 227 14.37 20.89 20.24
CA SER B 227 13.24 21.02 21.17
C SER B 227 11.96 20.83 20.37
N PRO B 228 10.89 20.37 21.01
CA PRO B 228 9.65 20.09 20.27
C PRO B 228 9.09 21.32 19.56
N VAL B 229 8.45 21.08 18.41
CA VAL B 229 7.89 22.14 17.56
C VAL B 229 6.38 22.15 17.71
N THR B 230 5.82 23.34 17.98
CA THR B 230 4.39 23.54 18.04
C THR B 230 3.92 24.37 16.86
N LYS B 231 2.87 23.90 16.17
CA LYS B 231 2.13 24.72 15.23
C LYS B 231 0.70 24.82 15.75
N SER B 232 0.05 25.96 15.50
CA SER B 232 -1.29 26.13 16.05
C SER B 232 -2.05 27.16 15.23
N PHE B 233 -3.34 27.28 15.53
CA PHE B 233 -4.19 28.32 14.96
C PHE B 233 -5.33 28.58 15.93
N ASN B 234 -5.94 29.76 15.78
CA ASN B 234 -7.14 30.13 16.50
C ASN B 234 -8.37 29.86 15.62
N ARG B 235 -9.39 29.27 16.23
CA ARG B 235 -10.62 28.98 15.51
C ARG B 235 -11.23 30.27 14.98
N GLY B 236 -11.84 30.19 13.79
CA GLY B 236 -12.52 31.31 13.19
C GLY B 236 -11.63 32.34 12.54
N GLU B 237 -10.32 32.13 12.54
CA GLU B 237 -9.36 33.13 12.06
C GLU B 237 -8.34 32.49 11.13
N CYS B 238 -8.76 31.45 10.41
CA CYS B 238 -7.89 30.78 9.45
C CYS B 238 -8.01 31.41 8.07
P PO4 D . 18.27 -32.32 -5.69
O1 PO4 D . 19.04 -33.60 -5.54
O2 PO4 D . 16.89 -32.49 -6.27
O3 PO4 D . 19.06 -31.43 -6.63
O4 PO4 D . 18.12 -31.75 -4.30
#